data_3RO4
#
_entry.id   3RO4
#
_cell.length_a   83.610
_cell.length_b   86.034
_cell.length_c   139.792
_cell.angle_alpha   90.00
_cell.angle_beta   90.00
_cell.angle_gamma   90.00
#
_symmetry.space_group_name_H-M   'P 21 21 21'
#
loop_
_entity.id
_entity.type
_entity.pdbx_description
1 polymer Ketohexokinase
2 non-polymer 'SULFATE ION'
3 non-polymer 3-ethyl-6-[(3aR,6aS)-hexahydropyrrolo[3,4-c]pyrrol-2(1H)-yl]-1-phenyl-1H-indazole
4 water water
#
_entity_poly.entity_id   1
_entity_poly.type   'polypeptide(L)'
_entity_poly.pdbx_seq_one_letter_code
;MGSSHHHHHHSSGLVPRGSQILCVGLVVLDVISLVDKYPKEDSEIRCLSQRWQRGGNASNSCTVLSLLGAPCAFMGSMAP
GHVADFLVADFRRRGVDVSQVAWQSKGDTPSSCCIINNSNGNRTIVLHDTSLPDVSATDFEKVDLTQFKWIHIEGRNASE
QVKMLQRIDAHNTRQPPEQKIRVSVEVEKPREELFQLFGYGDVVFVSKDVAKHLGFQSAEEALRGLYGRVRKGAVLVCAW
AEEGADALGPDGKLLHSDAFPPPRVVDTLGAGDTFNASVIFSLSQGRSVQEALRFGCQVAGKKCGLQGFDGIV
;
_entity_poly.pdbx_strand_id   A,B
#
# COMPACT_ATOMS: atom_id res chain seq x y z
N GLY A 18 4.78 33.84 21.47
CA GLY A 18 4.21 32.63 20.92
C GLY A 18 4.05 32.73 19.41
N SER A 19 4.85 31.96 18.68
CA SER A 19 4.96 32.12 17.24
C SER A 19 4.50 30.91 16.42
N GLN A 20 4.26 29.78 17.09
CA GLN A 20 3.97 28.55 16.37
C GLN A 20 2.54 28.10 16.55
N ILE A 21 2.07 27.29 15.61
CA ILE A 21 0.75 26.65 15.73
C ILE A 21 1.00 25.17 15.96
N LEU A 22 0.35 24.61 16.97
CA LEU A 22 0.49 23.19 17.27
C LEU A 22 -0.78 22.45 16.91
N CYS A 23 -0.62 21.33 16.21
CA CYS A 23 -1.75 20.43 15.97
C CYS A 23 -1.53 19.09 16.67
N VAL A 24 -2.58 18.62 17.33
CA VAL A 24 -2.50 17.40 18.12
C VAL A 24 -3.47 16.36 17.56
N GLY A 25 -2.93 15.30 17.00
CA GLY A 25 -3.75 14.18 16.51
C GLY A 25 -2.91 13.09 15.92
N LEU A 26 -3.34 12.56 14.78
CA LEU A 26 -2.74 11.35 14.19
C LEU A 26 -1.67 11.57 13.12
N VAL A 27 -0.84 10.56 12.94
CA VAL A 27 0.03 10.50 11.77
C VAL A 27 -0.10 9.09 11.18
N VAL A 28 -0.05 8.98 9.85
CA VAL A 28 -0.33 7.71 9.21
C VAL A 28 0.41 7.61 7.89
N LEU A 29 0.90 6.41 7.58
CA LEU A 29 1.45 6.12 6.26
C LEU A 29 0.29 5.74 5.34
N ASP A 30 0.09 6.56 4.32
CA ASP A 30 -0.94 6.31 3.32
C ASP A 30 -0.30 5.69 2.11
N VAL A 31 -0.68 4.44 1.83
CA VAL A 31 -0.24 3.76 0.62
C VAL A 31 -1.33 3.91 -0.43
N ILE A 32 -1.05 4.71 -1.45
CA ILE A 32 -2.06 5.17 -2.39
C ILE A 32 -2.01 4.50 -3.75
N SER A 33 -3.17 4.06 -4.23
CA SER A 33 -3.29 3.61 -5.63
C SER A 33 -4.25 4.53 -6.37
N LEU A 34 -3.86 4.97 -7.55
CA LEU A 34 -4.72 5.83 -8.37
C LEU A 34 -5.36 5.00 -9.46
N VAL A 35 -6.68 4.94 -9.44
CA VAL A 35 -7.42 4.14 -10.43
C VAL A 35 -8.37 5.02 -11.24
N ASP A 36 -8.77 4.59 -12.43
CA ASP A 36 -9.73 5.41 -13.18
C ASP A 36 -11.19 4.99 -12.99
N LYS A 37 -11.41 3.94 -12.21
CA LYS A 37 -12.75 3.60 -11.78
C LYS A 37 -12.66 2.74 -10.54
N TYR A 38 -13.58 2.94 -9.60
CA TYR A 38 -13.60 2.15 -8.37
C TYR A 38 -13.90 0.70 -8.73
N PRO A 39 -13.16 -0.25 -8.12
CA PRO A 39 -13.27 -1.68 -8.46
C PRO A 39 -14.55 -2.33 -7.91
N LYS A 40 -15.21 -3.14 -8.74
CA LYS A 40 -16.36 -3.93 -8.29
C LYS A 40 -15.94 -5.11 -7.42
N GLU A 41 -16.66 -5.34 -6.32
CA GLU A 41 -16.34 -6.44 -5.41
C GLU A 41 -15.99 -7.74 -6.14
N ASP A 42 -14.82 -8.30 -5.84
CA ASP A 42 -14.45 -9.59 -6.40
C ASP A 42 -13.75 -9.46 -7.76
N SER A 43 -13.62 -8.22 -8.25
CA SER A 43 -12.94 -7.97 -9.52
C SER A 43 -11.46 -7.64 -9.37
N GLU A 44 -10.81 -7.36 -10.49
CA GLU A 44 -9.40 -7.00 -10.50
C GLU A 44 -9.05 -5.89 -11.51
N ILE A 45 -8.81 -4.68 -11.01
CA ILE A 45 -8.44 -3.54 -11.85
C ILE A 45 -6.93 -3.31 -11.83
N ARG A 46 -6.41 -2.58 -12.82
CA ARG A 46 -5.01 -2.16 -12.77
C ARG A 46 -4.93 -0.66 -12.48
N CYS A 47 -4.03 -0.26 -11.60
CA CYS A 47 -3.96 1.13 -11.17
C CYS A 47 -3.09 1.96 -12.10
N LEU A 48 -3.38 3.25 -12.16
CA LEU A 48 -2.69 4.18 -13.02
C LEU A 48 -1.31 4.49 -12.46
N SER A 49 -1.24 4.79 -11.17
CA SER A 49 0.04 5.05 -10.52
C SER A 49 -0.04 4.81 -9.02
N GLN A 50 1.12 4.74 -8.36
CA GLN A 50 1.20 4.41 -6.94
C GLN A 50 2.09 5.43 -6.22
N ARG A 51 1.78 5.76 -4.97
CA ARG A 51 2.69 6.58 -4.17
C ARG A 51 2.44 6.41 -2.67
N TRP A 52 3.38 6.89 -1.86
CA TRP A 52 3.19 6.94 -0.41
C TRP A 52 2.99 8.39 0.02
N GLN A 53 2.31 8.60 1.13
CA GLN A 53 2.02 9.95 1.58
C GLN A 53 1.94 9.97 3.10
N ARG A 54 2.42 11.05 3.71
CA ARG A 54 2.23 11.23 5.15
C ARG A 54 0.82 11.74 5.42
N GLY A 55 -0.02 10.87 5.98
CA GLY A 55 -1.40 11.20 6.23
C GLY A 55 -1.73 11.40 7.70
N GLY A 56 -3.00 11.23 8.06
CA GLY A 56 -3.48 11.60 9.38
C GLY A 56 -3.95 13.05 9.37
N ASN A 57 -5.01 13.35 10.13
CA ASN A 57 -5.61 14.68 10.10
C ASN A 57 -4.67 15.80 10.58
N ALA A 58 -4.18 15.67 11.81
CA ALA A 58 -3.26 16.65 12.36
C ALA A 58 -1.98 16.72 11.51
N SER A 59 -1.57 15.58 10.96
CA SER A 59 -0.39 15.52 10.11
C SER A 59 -0.61 16.30 8.80
N ASN A 60 -1.76 16.07 8.18
CA ASN A 60 -2.12 16.75 6.93
C ASN A 60 -2.15 18.26 7.13
N SER A 61 -2.84 18.67 8.19
CA SER A 61 -2.94 20.08 8.54
C SER A 61 -1.56 20.75 8.66
N CYS A 62 -0.62 20.10 9.34
CA CYS A 62 0.74 20.61 9.45
C CYS A 62 1.37 20.86 8.08
N THR A 63 1.13 19.95 7.15
CA THR A 63 1.65 20.11 5.80
C THR A 63 1.09 21.37 5.15
N VAL A 64 -0.18 21.66 5.41
CA VAL A 64 -0.84 22.76 4.73
C VAL A 64 -0.40 24.07 5.37
N LEU A 65 -0.48 24.12 6.71
CA LEU A 65 0.03 25.27 7.47
C LEU A 65 1.46 25.63 7.05
N SER A 66 2.29 24.59 6.90
CA SER A 66 3.67 24.74 6.47
C SER A 66 3.78 25.33 5.07
N LEU A 67 3.11 24.71 4.11
CA LEU A 67 3.17 25.21 2.74
C LEU A 67 2.65 26.64 2.65
N LEU A 68 1.82 27.06 3.61
CA LEU A 68 1.26 28.41 3.61
C LEU A 68 2.19 29.41 4.31
N GLY A 69 3.22 28.92 4.99
CA GLY A 69 4.24 29.77 5.57
C GLY A 69 4.17 29.96 7.08
N ALA A 70 3.29 29.21 7.73
CA ALA A 70 3.12 29.33 9.16
C ALA A 70 3.94 28.27 9.89
N PRO A 71 4.85 28.70 10.78
CA PRO A 71 5.62 27.72 11.56
C PRO A 71 4.70 26.92 12.44
N CYS A 72 4.88 25.61 12.49
CA CYS A 72 3.96 24.75 13.23
C CYS A 72 4.68 23.51 13.77
N ALA A 73 3.95 22.72 14.54
CA ALA A 73 4.51 21.53 15.16
C ALA A 73 3.45 20.43 15.28
N PHE A 74 3.83 19.19 15.01
CA PHE A 74 2.92 18.08 15.21
C PHE A 74 3.17 17.36 16.54
N MET A 75 2.09 16.86 17.13
CA MET A 75 2.18 16.07 18.35
C MET A 75 1.21 14.91 18.29
N GLY A 76 1.75 13.71 18.13
CA GLY A 76 0.98 12.48 18.22
C GLY A 76 1.94 11.33 18.49
N SER A 77 1.38 10.13 18.67
CA SER A 77 2.20 8.96 18.94
C SER A 77 2.88 8.41 17.70
N MET A 78 4.02 7.76 17.90
CA MET A 78 4.77 7.13 16.83
C MET A 78 5.67 6.03 17.39
N ALA A 79 5.62 4.86 16.76
CA ALA A 79 6.51 3.74 17.11
C ALA A 79 7.78 3.78 16.26
N PRO A 80 8.95 3.75 16.92
CA PRO A 80 10.22 3.80 16.17
C PRO A 80 10.34 2.63 15.19
N GLY A 81 10.92 2.90 14.02
CA GLY A 81 11.06 1.91 12.97
C GLY A 81 11.33 2.57 11.63
N HIS A 82 11.20 1.81 10.55
CA HIS A 82 11.40 2.38 9.22
C HIS A 82 10.24 3.23 8.73
N VAL A 83 9.02 2.86 9.12
CA VAL A 83 7.84 3.66 8.82
C VAL A 83 8.04 5.05 9.39
N ALA A 84 8.20 5.13 10.71
CA ALA A 84 8.44 6.40 11.39
C ALA A 84 9.60 7.16 10.73
N ASP A 85 10.63 6.44 10.33
CA ASP A 85 11.77 7.09 9.69
C ASP A 85 11.26 7.86 8.48
N PHE A 86 10.41 7.22 7.68
CA PHE A 86 9.82 7.86 6.51
C PHE A 86 9.04 9.11 6.87
N LEU A 87 8.14 8.97 7.84
CA LEU A 87 7.26 10.05 8.25
C LEU A 87 8.05 11.24 8.79
N VAL A 88 9.06 10.95 9.61
CA VAL A 88 9.85 12.02 10.21
C VAL A 88 10.63 12.74 9.12
N ALA A 89 11.21 11.97 8.21
CA ALA A 89 11.96 12.58 7.13
C ALA A 89 11.06 13.58 6.41
N ASP A 90 9.82 13.18 6.16
CA ASP A 90 8.85 14.01 5.44
C ASP A 90 8.48 15.26 6.24
N PHE A 91 8.15 15.06 7.52
CA PHE A 91 7.94 16.16 8.43
C PHE A 91 9.06 17.20 8.31
N ARG A 92 10.29 16.77 8.51
CA ARG A 92 11.39 17.72 8.53
C ARG A 92 11.62 18.35 7.18
N ARG A 93 11.25 17.64 6.11
CA ARG A 93 11.48 18.14 4.76
C ARG A 93 10.52 19.29 4.52
N ARG A 94 9.55 19.40 5.41
CA ARG A 94 8.51 20.40 5.32
C ARG A 94 8.67 21.44 6.42
N GLY A 95 9.66 21.23 7.30
CA GLY A 95 9.92 22.17 8.38
C GLY A 95 8.95 22.06 9.54
N VAL A 96 8.32 20.90 9.68
CA VAL A 96 7.42 20.69 10.79
C VAL A 96 8.18 20.18 11.99
N ASP A 97 8.17 20.98 13.04
CA ASP A 97 8.70 20.62 14.33
C ASP A 97 8.08 19.31 14.83
N VAL A 98 8.92 18.29 15.05
CA VAL A 98 8.45 17.02 15.62
C VAL A 98 8.90 16.79 17.06
N SER A 99 9.60 17.77 17.63
CA SER A 99 10.17 17.64 18.96
C SER A 99 9.16 17.18 20.00
N GLN A 100 7.88 17.40 19.73
CA GLN A 100 6.85 17.16 20.74
C GLN A 100 6.22 15.78 20.60
N VAL A 101 6.75 14.97 19.67
CA VAL A 101 6.20 13.64 19.43
C VAL A 101 6.28 12.73 20.65
N ALA A 102 5.14 12.13 21.02
CA ALA A 102 5.08 11.18 22.13
C ALA A 102 5.48 9.77 21.72
N TRP A 103 6.78 9.54 21.56
CA TRP A 103 7.28 8.22 21.18
C TRP A 103 6.73 7.06 22.02
N GLN A 104 6.87 5.85 21.49
CA GLN A 104 6.29 4.67 22.11
C GLN A 104 7.19 3.45 21.97
N SER A 105 6.73 2.32 22.52
CA SER A 105 7.41 1.04 22.34
C SER A 105 6.42 -0.07 21.97
N LYS A 106 5.23 -0.01 22.55
CA LYS A 106 4.14 -0.91 22.18
C LYS A 106 3.53 -0.49 20.85
N GLY A 107 2.84 -1.43 20.17
CA GLY A 107 2.16 -1.14 18.91
C GLY A 107 3.02 -0.69 17.73
N ASP A 108 2.41 -0.66 16.54
CA ASP A 108 3.10 -0.16 15.35
C ASP A 108 2.57 1.22 14.96
N THR A 109 3.19 1.85 13.97
CA THR A 109 2.67 3.10 13.44
C THR A 109 1.59 2.73 12.44
N PRO A 110 0.42 3.36 12.54
CA PRO A 110 -0.72 3.00 11.68
C PRO A 110 -0.38 3.15 10.20
N SER A 111 -1.10 2.40 9.36
CA SER A 111 -0.99 2.59 7.92
C SER A 111 -2.36 2.38 7.31
N SER A 112 -2.47 2.63 6.03
CA SER A 112 -3.77 2.46 5.39
C SER A 112 -3.59 2.19 3.92
N CYS A 113 -4.59 1.54 3.32
CA CYS A 113 -4.65 1.47 1.87
C CYS A 113 -5.69 2.45 1.35
N CYS A 114 -5.27 3.27 0.40
CA CYS A 114 -6.12 4.32 -0.09
C CYS A 114 -6.31 4.14 -1.57
N ILE A 115 -7.56 3.93 -1.94
CA ILE A 115 -7.93 3.90 -3.34
C ILE A 115 -8.49 5.27 -3.71
N ILE A 116 -7.91 5.91 -4.71
CA ILE A 116 -8.39 7.21 -5.17
C ILE A 116 -8.88 7.08 -6.60
N ASN A 117 -10.14 7.48 -6.79
CA ASN A 117 -10.78 7.41 -8.09
C ASN A 117 -10.45 8.65 -8.88
N ASN A 118 -9.63 8.48 -9.91
CA ASN A 118 -9.15 9.59 -10.72
C ASN A 118 -10.21 10.26 -11.59
N SER A 119 -11.44 9.81 -11.51
CA SER A 119 -12.48 10.42 -12.33
C SER A 119 -13.43 11.30 -11.53
N ASN A 120 -13.32 11.29 -10.20
CA ASN A 120 -14.01 12.30 -9.40
C ASN A 120 -13.31 12.52 -8.06
N GLY A 121 -12.07 12.04 -7.98
CA GLY A 121 -11.28 12.17 -6.78
C GLY A 121 -11.88 11.57 -5.52
N ASN A 122 -12.90 10.74 -5.67
CA ASN A 122 -13.40 9.98 -4.53
C ASN A 122 -12.25 9.21 -3.91
N ARG A 123 -12.23 9.09 -2.59
CA ARG A 123 -11.15 8.32 -1.96
C ARG A 123 -11.66 7.40 -0.87
N THR A 124 -11.23 6.15 -0.96
CA THR A 124 -11.68 5.11 -0.07
C THR A 124 -10.48 4.68 0.72
N ILE A 125 -10.63 4.69 2.04
CA ILE A 125 -9.51 4.42 2.93
C ILE A 125 -9.79 3.23 3.80
N VAL A 126 -8.89 2.27 3.76
CA VAL A 126 -8.94 1.11 4.63
C VAL A 126 -7.84 1.27 5.67
N LEU A 127 -8.24 1.63 6.88
CA LEU A 127 -7.29 1.97 7.92
C LEU A 127 -6.90 0.77 8.78
N HIS A 128 -5.68 0.80 9.29
CA HIS A 128 -5.17 -0.25 10.16
C HIS A 128 -4.60 0.35 11.45
N ASP A 129 -5.43 0.43 12.48
CA ASP A 129 -4.96 0.90 13.79
C ASP A 129 -4.17 -0.17 14.52
N THR A 130 -3.13 0.26 15.21
CA THR A 130 -2.09 -0.64 15.66
C THR A 130 -1.96 -0.64 17.18
N SER A 131 -3.06 -0.34 17.87
CA SER A 131 -3.08 -0.30 19.33
C SER A 131 -2.28 0.87 19.89
N LEU A 132 -1.36 1.40 19.08
CA LEU A 132 -0.57 2.56 19.47
C LEU A 132 -1.40 3.39 20.44
N PRO A 133 -0.87 3.59 21.65
CA PRO A 133 -1.48 4.41 22.71
C PRO A 133 -1.55 5.89 22.31
N ASP A 134 -2.70 6.52 22.52
CA ASP A 134 -2.89 7.93 22.19
C ASP A 134 -2.13 8.84 23.13
N VAL A 135 -1.85 10.06 22.68
CA VAL A 135 -1.30 11.08 23.56
C VAL A 135 -2.22 11.25 24.77
N SER A 136 -1.64 11.38 25.95
CA SER A 136 -2.41 11.47 27.19
C SER A 136 -2.22 12.83 27.86
N ALA A 137 -3.11 13.14 28.80
CA ALA A 137 -3.03 14.38 29.57
C ALA A 137 -1.62 14.55 30.13
N THR A 138 -1.05 13.45 30.62
CA THR A 138 0.33 13.45 31.07
C THR A 138 1.27 14.01 30.00
N ASP A 139 1.33 13.34 28.86
CA ASP A 139 2.21 13.75 27.77
C ASP A 139 2.14 15.26 27.56
N PHE A 140 0.91 15.77 27.47
CA PHE A 140 0.65 17.16 27.14
C PHE A 140 1.11 18.12 28.25
N GLU A 141 0.95 17.68 29.48
CA GLU A 141 1.38 18.44 30.65
C GLU A 141 2.86 18.79 30.56
N LYS A 142 3.59 18.00 29.80
CA LYS A 142 5.03 18.14 29.66
C LYS A 142 5.41 19.07 28.51
N VAL A 143 4.48 19.92 28.08
CA VAL A 143 4.74 20.77 26.92
C VAL A 143 4.74 22.26 27.25
N ASP A 144 5.71 22.97 26.70
CA ASP A 144 5.89 24.40 26.97
C ASP A 144 4.94 25.28 26.15
N LEU A 145 3.81 25.64 26.77
CA LEU A 145 2.76 26.36 26.06
C LEU A 145 3.20 27.73 25.54
N THR A 146 4.34 28.23 26.00
CA THR A 146 4.77 29.58 25.64
C THR A 146 5.12 29.75 24.16
N GLN A 147 5.42 28.65 23.48
CA GLN A 147 5.79 28.73 22.08
C GLN A 147 4.60 28.91 21.12
N PHE A 148 3.38 28.80 21.65
CA PHE A 148 2.22 28.57 20.78
C PHE A 148 1.11 29.61 20.81
N LYS A 149 0.90 30.26 19.66
CA LYS A 149 -0.18 31.21 19.46
C LYS A 149 -1.54 30.51 19.31
N TRP A 150 -1.50 29.29 18.78
CA TRP A 150 -2.70 28.54 18.48
C TRP A 150 -2.45 27.07 18.74
N ILE A 151 -3.46 26.37 19.25
CA ILE A 151 -3.41 24.91 19.39
C ILE A 151 -4.68 24.26 18.85
N HIS A 152 -4.52 23.31 17.93
CA HIS A 152 -5.66 22.60 17.36
C HIS A 152 -5.67 21.10 17.73
N ILE A 153 -6.84 20.60 18.10
CA ILE A 153 -6.98 19.24 18.62
C ILE A 153 -7.98 18.37 17.86
N GLU A 154 -7.47 17.37 17.16
CA GLU A 154 -8.27 16.35 16.48
C GLU A 154 -8.92 15.39 17.49
N GLY A 155 -10.23 15.52 17.68
CA GLY A 155 -10.96 14.73 18.65
C GLY A 155 -10.85 13.21 18.53
N ARG A 156 -9.97 12.62 19.34
CA ARG A 156 -9.83 11.17 19.41
C ARG A 156 -10.18 10.61 20.80
N ASN A 157 -9.30 10.80 21.78
CA ASN A 157 -9.55 10.34 23.15
C ASN A 157 -10.13 11.42 24.07
N ALA A 158 -11.45 11.51 24.06
CA ALA A 158 -12.18 12.60 24.72
C ALA A 158 -11.66 12.92 26.11
N SER A 159 -12.17 12.16 27.08
CA SER A 159 -11.79 12.25 28.48
C SER A 159 -10.42 12.88 28.68
N GLU A 160 -9.40 12.29 28.07
CA GLU A 160 -8.03 12.75 28.25
C GLU A 160 -7.76 14.10 27.57
N GLN A 161 -8.42 14.35 26.46
CA GLN A 161 -8.23 15.59 25.71
C GLN A 161 -8.86 16.78 26.42
N VAL A 162 -10.03 16.56 27.01
CA VAL A 162 -10.66 17.60 27.80
C VAL A 162 -9.65 18.09 28.83
N LYS A 163 -8.99 17.14 29.47
CA LYS A 163 -7.95 17.47 30.45
C LYS A 163 -6.93 18.44 29.87
N MET A 164 -6.44 18.14 28.66
CA MET A 164 -5.47 19.02 28.00
C MET A 164 -6.09 20.41 27.78
N LEU A 165 -7.37 20.42 27.44
CA LEU A 165 -8.05 21.67 27.14
C LEU A 165 -8.07 22.57 28.37
N GLN A 166 -8.55 22.02 29.49
CA GLN A 166 -8.61 22.77 30.74
C GLN A 166 -7.26 23.34 31.13
N ARG A 167 -6.19 22.60 30.84
CA ARG A 167 -4.84 23.10 31.11
C ARG A 167 -4.59 24.40 30.35
N ILE A 168 -5.05 24.47 29.11
CA ILE A 168 -4.82 25.66 28.30
C ILE A 168 -5.65 26.87 28.76
N ASP A 169 -6.89 26.61 29.17
CA ASP A 169 -7.71 27.67 29.78
C ASP A 169 -6.99 28.26 30.98
N ALA A 170 -6.63 27.40 31.92
CA ALA A 170 -5.85 27.79 33.08
C ALA A 170 -4.75 28.76 32.68
N HIS A 171 -3.88 28.31 31.78
CA HIS A 171 -2.78 29.12 31.30
C HIS A 171 -3.27 30.47 30.78
N ASN A 172 -4.44 30.45 30.16
CA ASN A 172 -5.04 31.66 29.58
C ASN A 172 -5.53 32.63 30.63
N THR A 173 -6.11 32.09 31.71
CA THR A 173 -6.61 32.93 32.79
C THR A 173 -5.48 33.70 33.48
N ARG A 174 -4.24 33.38 33.12
CA ARG A 174 -3.08 34.05 33.69
C ARG A 174 -2.32 34.84 32.64
N GLN A 175 -3.03 35.36 31.65
CA GLN A 175 -2.40 36.06 30.54
C GLN A 175 -3.18 37.29 30.12
N PRO A 176 -2.47 38.32 29.62
CA PRO A 176 -3.14 39.47 28.99
C PRO A 176 -3.99 38.96 27.83
N PRO A 177 -5.17 39.57 27.60
CA PRO A 177 -6.00 39.12 26.48
C PRO A 177 -5.27 39.22 25.14
N GLU A 178 -3.99 39.61 25.19
CA GLU A 178 -3.16 39.74 24.00
C GLU A 178 -2.09 38.64 23.96
N GLN A 179 -2.10 37.76 24.95
CA GLN A 179 -1.11 36.69 25.03
C GLN A 179 -1.77 35.35 25.32
N LYS A 180 -3.09 35.29 25.16
CA LYS A 180 -3.81 34.04 25.34
C LYS A 180 -3.58 33.11 24.15
N ILE A 181 -3.75 31.82 24.36
CA ILE A 181 -3.57 30.85 23.28
C ILE A 181 -4.91 30.50 22.68
N ARG A 182 -5.04 30.70 21.37
CA ARG A 182 -6.26 30.37 20.65
C ARG A 182 -6.42 28.87 20.53
N VAL A 183 -7.64 28.37 20.69
CA VAL A 183 -7.88 26.94 20.66
C VAL A 183 -8.97 26.53 19.69
N SER A 184 -8.64 25.63 18.77
CA SER A 184 -9.66 25.07 17.89
C SER A 184 -9.76 23.57 18.10
N VAL A 185 -10.95 23.04 17.85
CA VAL A 185 -11.26 21.63 18.08
C VAL A 185 -12.07 21.04 16.93
N GLU A 186 -11.72 19.82 16.54
CA GLU A 186 -12.45 19.13 15.50
C GLU A 186 -13.15 17.87 16.01
N VAL A 187 -14.48 17.85 15.94
CA VAL A 187 -15.25 16.63 16.16
C VAL A 187 -15.60 16.00 14.80
N GLU A 188 -14.78 15.07 14.33
CA GLU A 188 -14.98 14.51 12.98
C GLU A 188 -15.77 13.20 12.92
N LYS A 189 -15.86 12.49 14.05
CA LYS A 189 -16.48 11.18 14.02
C LYS A 189 -17.78 11.14 14.81
N PRO A 190 -18.81 10.51 14.23
CA PRO A 190 -20.11 10.37 14.88
C PRO A 190 -19.96 9.44 16.08
N ARG A 191 -19.65 9.99 17.24
CA ARG A 191 -19.27 9.18 18.39
C ARG A 191 -19.53 9.92 19.71
N GLU A 192 -20.50 9.43 20.46
CA GLU A 192 -21.01 10.10 21.66
C GLU A 192 -19.92 10.63 22.60
N GLU A 193 -18.83 9.87 22.75
CA GLU A 193 -17.76 10.24 23.68
C GLU A 193 -17.22 11.61 23.30
N LEU A 194 -17.29 11.94 22.00
CA LEU A 194 -16.67 13.13 21.46
C LEU A 194 -17.46 14.41 21.67
N PHE A 195 -18.77 14.27 21.85
CA PHE A 195 -19.65 15.44 21.90
C PHE A 195 -19.39 16.33 23.11
N GLN A 196 -18.51 15.90 24.00
CA GLN A 196 -18.13 16.72 25.14
C GLN A 196 -17.17 17.83 24.70
N LEU A 197 -16.49 17.59 23.59
CA LEU A 197 -15.51 18.52 23.07
C LEU A 197 -16.18 19.74 22.47
N PHE A 198 -17.52 19.71 22.43
CA PHE A 198 -18.35 20.57 21.59
C PHE A 198 -18.65 22.02 21.98
N GLY A 199 -18.12 22.56 23.07
CA GLY A 199 -17.30 21.89 24.04
C GLY A 199 -16.38 22.94 24.59
N TYR A 200 -15.19 23.00 24.03
CA TYR A 200 -14.17 23.94 24.45
C TYR A 200 -13.76 24.80 23.25
N GLY A 201 -12.58 25.41 23.34
CA GLY A 201 -12.03 26.12 22.20
C GLY A 201 -12.87 27.27 21.66
N ASP A 202 -12.17 28.21 21.02
CA ASP A 202 -12.76 29.39 20.41
C ASP A 202 -13.45 29.09 19.08
N VAL A 203 -12.94 28.08 18.39
CA VAL A 203 -13.44 27.67 17.09
C VAL A 203 -13.70 26.18 17.11
N VAL A 204 -14.90 25.77 16.70
CA VAL A 204 -15.22 24.34 16.69
C VAL A 204 -15.61 23.88 15.31
N PHE A 205 -14.91 22.86 14.81
CA PHE A 205 -15.19 22.26 13.51
C PHE A 205 -16.01 21.00 13.69
N VAL A 206 -17.16 20.92 13.01
CA VAL A 206 -17.92 19.68 12.98
C VAL A 206 -18.17 19.25 11.54
N SER A 207 -17.92 17.99 11.26
CA SER A 207 -18.02 17.46 9.91
C SER A 207 -19.44 17.18 9.46
N LYS A 208 -19.65 17.31 8.15
CA LYS A 208 -20.88 16.95 7.48
C LYS A 208 -21.37 15.57 7.94
N ASP A 209 -20.44 14.62 7.97
CA ASP A 209 -20.72 13.24 8.38
C ASP A 209 -21.34 13.18 9.78
N VAL A 210 -20.83 14.01 10.69
CA VAL A 210 -21.36 14.08 12.05
C VAL A 210 -22.73 14.76 12.11
N ALA A 211 -22.95 15.68 11.18
CA ALA A 211 -24.17 16.48 11.16
C ALA A 211 -25.37 15.67 10.66
N LYS A 212 -25.14 14.86 9.62
CA LYS A 212 -26.17 13.99 9.10
C LYS A 212 -26.54 12.93 10.13
N HIS A 213 -25.51 12.28 10.68
CA HIS A 213 -25.68 11.23 11.69
C HIS A 213 -26.35 11.75 12.93
N LEU A 214 -26.45 13.07 13.05
CA LEU A 214 -27.19 13.65 14.16
C LEU A 214 -28.58 14.07 13.69
N GLY A 215 -28.91 13.71 12.44
CA GLY A 215 -30.23 13.99 11.90
C GLY A 215 -30.35 15.19 10.95
N PHE A 216 -29.28 15.97 10.82
CA PHE A 216 -29.32 17.21 10.04
C PHE A 216 -29.00 17.00 8.56
N GLN A 217 -29.61 17.82 7.70
CA GLN A 217 -29.47 17.59 6.27
C GLN A 217 -28.90 18.79 5.52
N SER A 218 -28.42 19.78 6.27
CA SER A 218 -27.74 20.94 5.69
C SER A 218 -26.90 21.61 6.76
N ALA A 219 -25.94 22.42 6.31
CA ALA A 219 -25.03 23.10 7.22
C ALA A 219 -25.71 24.12 8.14
N GLU A 220 -26.60 24.96 7.58
CA GLU A 220 -27.26 25.99 8.41
C GLU A 220 -28.14 25.34 9.47
N GLU A 221 -28.65 24.17 9.12
CA GLU A 221 -29.49 23.41 10.03
C GLU A 221 -28.66 22.79 11.15
N ALA A 222 -27.59 22.11 10.79
CA ALA A 222 -26.63 21.61 11.77
C ALA A 222 -26.13 22.72 12.69
N LEU A 223 -25.82 23.88 12.09
CA LEU A 223 -25.32 25.04 12.82
C LEU A 223 -26.30 25.61 13.86
N ARG A 224 -27.57 25.71 13.49
CA ARG A 224 -28.61 26.14 14.42
C ARG A 224 -28.85 25.10 15.51
N GLY A 225 -28.88 23.84 15.10
CA GLY A 225 -29.04 22.73 16.04
C GLY A 225 -27.93 22.60 17.07
N LEU A 226 -26.68 22.78 16.67
CA LEU A 226 -25.57 22.47 17.57
C LEU A 226 -24.95 23.67 18.30
N TYR A 227 -25.36 24.89 17.96
CA TYR A 227 -24.68 26.06 18.53
C TYR A 227 -24.84 26.12 20.04
N GLY A 228 -25.93 25.52 20.54
CA GLY A 228 -26.22 25.53 21.96
C GLY A 228 -25.14 24.88 22.78
N ARG A 229 -24.53 23.84 22.23
CA ARG A 229 -23.49 23.10 22.93
C ARG A 229 -22.15 23.83 23.15
N VAL A 230 -21.95 24.98 22.50
CA VAL A 230 -20.59 25.55 22.50
C VAL A 230 -20.32 26.64 23.53
N ARG A 231 -19.09 26.64 24.01
CA ARG A 231 -18.60 27.68 24.91
C ARG A 231 -19.15 29.03 24.48
N LYS A 232 -19.43 29.89 25.45
CA LYS A 232 -19.90 31.23 25.17
C LYS A 232 -18.82 31.98 24.40
N GLY A 233 -19.20 32.58 23.27
CA GLY A 233 -18.26 33.34 22.45
C GLY A 233 -17.53 32.56 21.37
N ALA A 234 -17.92 31.31 21.16
CA ALA A 234 -17.26 30.44 20.19
C ALA A 234 -17.83 30.62 18.80
N VAL A 235 -17.05 30.21 17.81
CA VAL A 235 -17.53 30.15 16.45
C VAL A 235 -17.68 28.68 16.11
N LEU A 236 -18.87 28.30 15.66
CA LEU A 236 -19.05 26.94 15.17
C LEU A 236 -18.90 26.93 13.63
N VAL A 237 -18.13 25.98 13.10
CA VAL A 237 -17.87 25.90 11.66
C VAL A 237 -18.27 24.54 11.10
N CYS A 238 -18.99 24.54 9.98
CA CYS A 238 -19.34 23.29 9.33
C CYS A 238 -19.20 23.35 7.81
N ALA A 239 -18.24 22.59 7.29
CA ALA A 239 -18.06 22.42 5.85
C ALA A 239 -19.04 21.39 5.28
N TRP A 240 -19.31 21.45 3.98
CA TRP A 240 -20.29 20.56 3.36
C TRP A 240 -19.85 20.24 1.94
N ALA A 241 -18.60 19.82 1.78
CA ALA A 241 -18.02 19.47 0.48
C ALA A 241 -18.27 20.49 -0.63
N GLU A 242 -18.98 20.06 -1.68
CA GLU A 242 -19.12 20.88 -2.87
C GLU A 242 -20.21 21.91 -2.72
N GLU A 243 -20.87 21.90 -1.57
CA GLU A 243 -21.87 22.92 -1.26
C GLU A 243 -21.27 24.09 -0.49
N GLY A 244 -19.97 24.05 -0.26
CA GLY A 244 -19.33 25.15 0.45
C GLY A 244 -19.23 24.88 1.94
N ALA A 245 -19.16 25.96 2.72
CA ALA A 245 -19.05 25.88 4.16
C ALA A 245 -19.80 27.03 4.79
N ASP A 246 -20.20 26.83 6.04
CA ASP A 246 -20.98 27.81 6.76
C ASP A 246 -20.38 27.98 8.13
N ALA A 247 -20.69 29.08 8.79
CA ALA A 247 -20.21 29.29 10.14
C ALA A 247 -21.26 30.11 10.90
N LEU A 248 -21.13 30.17 12.22
CA LEU A 248 -22.10 30.85 13.08
C LEU A 248 -21.48 31.17 14.40
N GLY A 249 -21.53 32.44 14.78
CA GLY A 249 -20.91 32.91 16.01
C GLY A 249 -21.90 33.61 16.92
N PRO A 250 -21.38 34.24 17.97
CA PRO A 250 -22.13 34.85 19.09
C PRO A 250 -23.21 35.88 18.70
N ASP A 251 -23.18 36.39 17.48
CA ASP A 251 -24.15 37.42 17.10
C ASP A 251 -25.37 36.81 16.43
N GLY A 252 -25.30 35.50 16.20
CA GLY A 252 -26.42 34.78 15.64
C GLY A 252 -26.48 34.87 14.13
N LYS A 253 -25.60 35.69 13.54
CA LYS A 253 -25.56 35.83 12.09
C LYS A 253 -24.88 34.66 11.39
N LEU A 254 -25.59 34.04 10.47
CA LEU A 254 -25.06 32.90 9.75
C LEU A 254 -24.17 33.37 8.62
N LEU A 255 -22.98 32.79 8.55
CA LEU A 255 -22.05 33.11 7.46
C LEU A 255 -21.90 31.96 6.45
N HIS A 256 -21.80 32.31 5.17
CA HIS A 256 -21.67 31.31 4.12
C HIS A 256 -20.56 31.60 3.11
N SER A 257 -20.00 30.55 2.53
CA SER A 257 -19.05 30.66 1.42
C SER A 257 -19.24 29.56 0.40
N ASP A 258 -19.47 29.95 -0.85
CA ASP A 258 -19.47 29.00 -1.95
C ASP A 258 -18.14 28.27 -2.05
N ALA A 259 -18.21 27.06 -2.59
CA ALA A 259 -17.05 26.25 -2.88
C ALA A 259 -16.29 26.90 -4.02
N PHE A 260 -15.03 26.48 -4.21
CA PHE A 260 -14.23 26.84 -5.36
C PHE A 260 -13.84 25.55 -6.09
N PRO A 261 -14.80 24.85 -6.71
CA PRO A 261 -14.45 23.60 -7.41
C PRO A 261 -13.49 23.82 -8.55
N PRO A 262 -12.47 22.98 -8.66
CA PRO A 262 -11.62 22.96 -9.85
C PRO A 262 -12.36 22.23 -10.99
N PRO A 263 -12.02 22.58 -12.23
CA PRO A 263 -12.65 22.00 -13.43
C PRO A 263 -12.65 20.48 -13.40
N ARG A 264 -11.50 19.86 -13.16
CA ARG A 264 -11.45 18.42 -12.96
C ARG A 264 -11.09 18.05 -11.51
N VAL A 265 -12.03 17.46 -10.77
CA VAL A 265 -11.72 16.95 -9.44
C VAL A 265 -11.00 15.60 -9.50
N VAL A 266 -9.74 15.55 -9.07
CA VAL A 266 -8.95 14.33 -9.23
C VAL A 266 -8.48 13.61 -7.96
N ASP A 267 -8.58 14.25 -6.80
CA ASP A 267 -8.12 13.65 -5.55
C ASP A 267 -8.54 14.44 -4.31
N THR A 268 -9.58 13.98 -3.62
CA THR A 268 -10.07 14.68 -2.43
C THR A 268 -9.51 14.19 -1.08
N LEU A 269 -8.43 13.44 -1.10
CA LEU A 269 -7.86 12.89 0.14
C LEU A 269 -7.25 14.02 0.99
N GLY A 270 -7.87 14.33 2.12
CA GLY A 270 -7.35 15.42 2.94
C GLY A 270 -7.84 16.80 2.52
N ALA A 271 -8.96 16.83 1.81
CA ALA A 271 -9.62 18.07 1.47
C ALA A 271 -10.09 18.80 2.72
N GLY A 272 -10.69 18.06 3.65
CA GLY A 272 -11.18 18.65 4.88
C GLY A 272 -10.07 19.07 5.82
N ASP A 273 -8.92 18.41 5.72
CA ASP A 273 -7.77 18.83 6.53
C ASP A 273 -7.21 20.15 5.98
N THR A 274 -7.14 20.25 4.66
CA THR A 274 -6.72 21.47 3.97
C THR A 274 -7.64 22.65 4.30
N PHE A 275 -8.93 22.39 4.29
CA PHE A 275 -9.90 23.37 4.73
C PHE A 275 -9.65 23.84 6.18
N ASN A 276 -9.55 22.90 7.11
CA ASN A 276 -9.31 23.24 8.50
C ASN A 276 -8.02 24.07 8.67
N ALA A 277 -6.93 23.58 8.11
CA ALA A 277 -5.66 24.28 8.22
C ALA A 277 -5.81 25.73 7.74
N SER A 278 -6.35 25.90 6.54
CA SER A 278 -6.53 27.23 5.98
C SER A 278 -7.35 28.19 6.85
N VAL A 279 -8.44 27.72 7.44
CA VAL A 279 -9.30 28.60 8.24
C VAL A 279 -8.54 29.06 9.47
N ILE A 280 -7.81 28.12 10.08
CA ILE A 280 -6.92 28.44 11.19
C ILE A 280 -5.88 29.50 10.80
N PHE A 281 -5.14 29.22 9.74
CA PHE A 281 -4.11 30.13 9.27
C PHE A 281 -4.68 31.53 9.16
N SER A 282 -5.81 31.62 8.49
CA SER A 282 -6.44 32.90 8.22
C SER A 282 -6.84 33.57 9.52
N LEU A 283 -7.54 32.85 10.38
CA LEU A 283 -7.97 33.46 11.62
C LEU A 283 -6.76 33.85 12.48
N SER A 284 -5.77 32.97 12.56
CA SER A 284 -4.56 33.28 13.31
C SER A 284 -3.84 34.54 12.78
N GLN A 285 -4.13 34.95 11.55
CA GLN A 285 -3.48 36.12 10.96
C GLN A 285 -4.38 37.33 11.00
N GLY A 286 -5.36 37.29 11.89
CA GLY A 286 -6.19 38.46 12.14
C GLY A 286 -7.43 38.65 11.29
N ARG A 287 -7.64 37.80 10.27
CA ARG A 287 -8.75 37.99 9.33
C ARG A 287 -10.09 37.67 9.98
N SER A 288 -11.16 38.16 9.37
CA SER A 288 -12.52 37.91 9.84
C SER A 288 -12.98 36.49 9.55
N VAL A 289 -14.02 36.06 10.27
CA VAL A 289 -14.65 34.79 9.97
C VAL A 289 -15.13 34.61 8.52
N GLN A 290 -15.76 35.62 7.91
CA GLN A 290 -16.11 35.51 6.48
C GLN A 290 -14.85 35.19 5.69
N GLU A 291 -13.82 35.99 5.90
CA GLU A 291 -12.61 35.89 5.09
C GLU A 291 -11.96 34.53 5.29
N ALA A 292 -11.82 34.11 6.54
CA ALA A 292 -11.27 32.79 6.84
C ALA A 292 -12.09 31.69 6.16
N LEU A 293 -13.42 31.75 6.27
CA LEU A 293 -14.29 30.76 5.65
C LEU A 293 -14.04 30.65 4.15
N ARG A 294 -14.04 31.80 3.52
CA ARG A 294 -13.73 31.97 2.11
C ARG A 294 -12.38 31.33 1.73
N PHE A 295 -11.33 31.65 2.50
CA PHE A 295 -9.98 31.19 2.19
C PHE A 295 -9.89 29.67 2.36
N GLY A 296 -10.55 29.18 3.40
CA GLY A 296 -10.74 27.75 3.62
C GLY A 296 -11.22 27.10 2.35
N CYS A 297 -12.34 27.58 1.81
CA CYS A 297 -12.85 27.00 0.58
C CYS A 297 -11.88 27.14 -0.59
N GLN A 298 -11.17 28.26 -0.67
CA GLN A 298 -10.31 28.48 -1.81
C GLN A 298 -9.14 27.47 -1.86
N VAL A 299 -8.53 27.19 -0.72
CA VAL A 299 -7.37 26.31 -0.71
C VAL A 299 -7.80 24.85 -0.95
N ALA A 300 -8.86 24.42 -0.26
CA ALA A 300 -9.42 23.07 -0.42
C ALA A 300 -9.78 22.77 -1.87
N GLY A 301 -10.48 23.72 -2.49
CA GLY A 301 -10.80 23.63 -3.90
C GLY A 301 -9.58 23.39 -4.78
N LYS A 302 -8.50 24.11 -4.51
CA LYS A 302 -7.31 23.97 -5.34
C LYS A 302 -6.63 22.61 -5.13
N LYS A 303 -6.59 22.13 -3.89
CA LYS A 303 -5.99 20.81 -3.58
C LYS A 303 -6.69 19.67 -4.34
N CYS A 304 -8.02 19.75 -4.42
CA CYS A 304 -8.85 18.69 -5.03
C CYS A 304 -8.63 18.55 -6.53
N GLY A 305 -7.94 19.51 -7.13
CA GLY A 305 -7.64 19.41 -8.55
C GLY A 305 -6.22 18.92 -8.75
N LEU A 306 -5.58 18.48 -7.67
CA LEU A 306 -4.18 18.08 -7.72
C LEU A 306 -3.95 16.75 -6.98
N GLN A 307 -2.93 16.01 -7.42
CA GLN A 307 -2.51 14.83 -6.67
C GLN A 307 -1.58 15.27 -5.55
N GLY A 308 -2.00 15.06 -4.31
CA GLY A 308 -1.19 15.44 -3.17
C GLY A 308 -1.34 16.89 -2.68
N PHE A 309 -0.24 17.46 -2.21
CA PHE A 309 -0.29 18.80 -1.61
C PHE A 309 0.53 19.85 -2.33
N ASP A 310 1.71 19.47 -2.79
CA ASP A 310 2.60 20.34 -3.54
C ASP A 310 1.98 21.61 -4.10
N GLY A 311 1.44 21.50 -5.32
CA GLY A 311 1.06 22.68 -6.09
C GLY A 311 0.03 23.68 -5.56
N ILE A 312 -0.35 23.61 -4.28
CA ILE A 312 -1.38 24.55 -3.81
C ILE A 312 -0.85 25.98 -3.64
N VAL A 313 0.46 26.14 -3.51
CA VAL A 313 1.03 27.47 -3.39
C VAL A 313 1.95 27.82 -4.56
N GLY B 13 29.73 -11.87 -2.01
CA GLY B 13 30.88 -12.74 -1.80
C GLY B 13 31.03 -13.81 -2.89
N LEU B 14 31.92 -14.77 -2.63
CA LEU B 14 32.28 -15.80 -3.59
C LEU B 14 31.20 -16.91 -3.74
N VAL B 15 30.48 -16.91 -4.86
CA VAL B 15 29.55 -18.01 -5.16
C VAL B 15 30.27 -19.13 -5.91
N PRO B 16 30.36 -20.33 -5.31
CA PRO B 16 31.05 -21.43 -6.00
C PRO B 16 30.43 -21.79 -7.37
N ARG B 17 31.30 -22.14 -8.32
CA ARG B 17 30.87 -22.35 -9.69
C ARG B 17 29.79 -23.45 -9.84
N GLY B 18 28.75 -23.15 -10.61
CA GLY B 18 27.68 -24.09 -10.84
C GLY B 18 26.90 -24.50 -9.60
N SER B 19 26.71 -23.57 -8.67
CA SER B 19 26.13 -23.90 -7.37
C SER B 19 24.69 -23.40 -7.18
N GLN B 20 24.27 -22.40 -7.95
CA GLN B 20 23.02 -21.70 -7.66
C GLN B 20 21.95 -21.96 -8.71
N ILE B 21 20.69 -21.88 -8.27
CA ILE B 21 19.52 -21.85 -9.12
C ILE B 21 19.01 -20.41 -9.22
N LEU B 22 18.86 -19.94 -10.46
CA LEU B 22 18.47 -18.56 -10.72
C LEU B 22 17.02 -18.48 -11.16
N CYS B 23 16.24 -17.57 -10.57
CA CYS B 23 14.88 -17.37 -11.05
C CYS B 23 14.68 -15.94 -11.55
N VAL B 24 14.21 -15.79 -12.79
CA VAL B 24 14.00 -14.50 -13.43
C VAL B 24 12.52 -14.14 -13.53
N GLY B 25 12.11 -13.02 -12.98
CA GLY B 25 10.71 -12.61 -13.07
C GLY B 25 10.33 -11.43 -12.20
N LEU B 26 9.10 -11.46 -11.70
CA LEU B 26 8.50 -10.33 -11.00
C LEU B 26 8.65 -10.42 -9.49
N VAL B 27 8.88 -9.29 -8.85
CA VAL B 27 8.71 -9.17 -7.42
C VAL B 27 7.74 -8.01 -7.21
N VAL B 28 6.91 -8.09 -6.18
CA VAL B 28 5.86 -7.09 -6.00
C VAL B 28 5.52 -7.03 -4.53
N LEU B 29 5.07 -5.87 -4.06
CA LEU B 29 4.70 -5.75 -2.67
C LEU B 29 3.19 -5.80 -2.54
N ASP B 30 2.66 -6.83 -1.90
CA ASP B 30 1.22 -6.95 -1.69
C ASP B 30 0.84 -6.43 -0.32
N VAL B 31 -0.04 -5.44 -0.28
CA VAL B 31 -0.62 -5.01 0.97
C VAL B 31 -1.96 -5.74 1.02
N ILE B 32 -2.18 -6.50 2.09
CA ILE B 32 -3.32 -7.42 2.18
C ILE B 32 -4.18 -7.11 3.40
N SER B 33 -5.42 -6.70 3.16
CA SER B 33 -6.32 -6.26 4.22
C SER B 33 -7.54 -7.17 4.35
N LEU B 34 -7.78 -7.64 5.57
CA LEU B 34 -8.99 -8.41 5.85
C LEU B 34 -10.06 -7.48 6.40
N VAL B 35 -11.21 -7.44 5.75
CA VAL B 35 -12.26 -6.52 6.14
C VAL B 35 -13.57 -7.24 6.50
N ASP B 36 -14.38 -6.63 7.36
CA ASP B 36 -15.72 -7.12 7.65
C ASP B 36 -16.52 -7.28 6.37
N LYS B 37 -16.77 -6.14 5.73
CA LYS B 37 -17.52 -6.11 4.49
C LYS B 37 -16.81 -5.20 3.49
N TYR B 38 -17.02 -5.45 2.20
CA TYR B 38 -16.53 -4.57 1.15
C TYR B 38 -16.98 -3.13 1.40
N PRO B 39 -16.02 -2.19 1.35
CA PRO B 39 -16.32 -0.78 1.62
C PRO B 39 -17.00 -0.15 0.43
N LYS B 40 -17.86 0.83 0.68
CA LYS B 40 -18.47 1.60 -0.39
C LYS B 40 -17.48 2.69 -0.82
N GLU B 41 -17.46 3.01 -2.11
CA GLU B 41 -16.61 4.08 -2.60
C GLU B 41 -16.74 5.30 -1.71
N ASP B 42 -15.60 5.88 -1.36
CA ASP B 42 -15.53 7.11 -0.59
C ASP B 42 -15.86 6.92 0.88
N SER B 43 -15.70 5.71 1.39
CA SER B 43 -15.83 5.49 2.83
C SER B 43 -14.47 5.33 3.48
N GLU B 44 -14.47 5.38 4.80
CA GLU B 44 -13.27 5.11 5.57
C GLU B 44 -13.58 4.05 6.60
N ILE B 45 -12.79 2.97 6.63
CA ILE B 45 -13.09 1.86 7.52
C ILE B 45 -11.86 1.26 8.23
N ARG B 46 -12.12 0.50 9.29
CA ARG B 46 -11.05 -0.23 9.98
C ARG B 46 -11.02 -1.69 9.51
N CYS B 47 -9.85 -2.12 9.06
CA CYS B 47 -9.67 -3.50 8.68
C CYS B 47 -9.54 -4.32 9.94
N LEU B 48 -9.82 -5.61 9.84
CA LEU B 48 -9.60 -6.52 10.95
C LEU B 48 -8.10 -6.71 11.12
N SER B 49 -7.41 -6.97 10.02
CA SER B 49 -5.95 -7.00 10.01
C SER B 49 -5.37 -6.60 8.66
N GLN B 50 -4.07 -6.31 8.64
CA GLN B 50 -3.40 -5.87 7.42
C GLN B 50 -2.01 -6.44 7.38
N ARG B 51 -1.55 -6.81 6.20
CA ARG B 51 -0.28 -7.50 6.08
C ARG B 51 0.49 -7.01 4.85
N TRP B 52 1.80 -6.88 4.97
CA TRP B 52 2.63 -6.62 3.81
C TRP B 52 3.38 -7.88 3.47
N GLN B 53 3.26 -8.34 2.22
CA GLN B 53 3.90 -9.56 1.79
C GLN B 53 4.65 -9.37 0.49
N ARG B 54 5.81 -10.01 0.36
CA ARG B 54 6.50 -10.03 -0.90
C ARG B 54 5.79 -11.06 -1.77
N GLY B 55 5.46 -10.69 -3.00
CA GLY B 55 4.83 -11.61 -3.94
C GLY B 55 5.51 -11.63 -5.30
N GLY B 56 4.82 -12.20 -6.28
CA GLY B 56 5.41 -12.41 -7.59
C GLY B 56 5.93 -13.82 -7.70
N ASN B 57 5.84 -14.39 -8.90
CA ASN B 57 6.16 -15.79 -9.16
C ASN B 57 7.60 -16.17 -9.00
N ALA B 58 8.49 -15.49 -9.70
CA ALA B 58 9.91 -15.81 -9.55
C ALA B 58 10.33 -15.57 -8.10
N SER B 59 9.78 -14.51 -7.51
CA SER B 59 10.03 -14.17 -6.11
C SER B 59 9.63 -15.31 -5.15
N ASN B 60 8.41 -15.83 -5.26
CA ASN B 60 7.97 -16.92 -4.39
C ASN B 60 8.78 -18.20 -4.56
N SER B 61 9.08 -18.56 -5.81
CA SER B 61 9.89 -19.75 -6.05
C SER B 61 11.22 -19.66 -5.29
N CYS B 62 11.86 -18.49 -5.32
CA CYS B 62 13.15 -18.30 -4.63
C CYS B 62 13.04 -18.62 -3.14
N THR B 63 11.99 -18.09 -2.51
CA THR B 63 11.71 -18.37 -1.10
C THR B 63 11.58 -19.89 -0.87
N VAL B 64 10.87 -20.59 -1.75
CA VAL B 64 10.67 -22.01 -1.59
C VAL B 64 12.00 -22.77 -1.72
N LEU B 65 12.77 -22.42 -2.75
CA LEU B 65 14.07 -23.06 -2.98
C LEU B 65 15.04 -22.84 -1.79
N SER B 66 15.00 -21.66 -1.17
CA SER B 66 15.83 -21.44 0.00
C SER B 66 15.47 -22.41 1.09
N LEU B 67 14.19 -22.41 1.46
CA LEU B 67 13.70 -23.30 2.51
C LEU B 67 13.99 -24.76 2.24
N LEU B 68 13.96 -25.18 0.98
CA LEU B 68 14.39 -26.54 0.65
C LEU B 68 15.91 -26.77 0.78
N GLY B 69 16.69 -25.69 0.87
CA GLY B 69 18.13 -25.83 1.06
C GLY B 69 18.95 -25.70 -0.21
N ALA B 70 18.42 -25.01 -1.20
CA ALA B 70 19.20 -24.68 -2.38
C ALA B 70 19.75 -23.26 -2.27
N PRO B 71 21.02 -23.06 -2.65
CA PRO B 71 21.49 -21.67 -2.89
C PRO B 71 20.69 -21.14 -4.07
N CYS B 72 20.21 -19.90 -4.01
CA CYS B 72 19.44 -19.37 -5.11
C CYS B 72 19.41 -17.87 -5.17
N ALA B 73 19.17 -17.38 -6.39
CA ALA B 73 19.27 -15.98 -6.73
C ALA B 73 18.03 -15.51 -7.46
N PHE B 74 17.57 -14.31 -7.15
CA PHE B 74 16.50 -13.68 -7.89
C PHE B 74 17.03 -12.68 -8.89
N MET B 75 16.44 -12.66 -10.08
CA MET B 75 16.71 -11.56 -10.99
C MET B 75 15.43 -10.91 -11.48
N GLY B 76 15.25 -9.65 -11.09
CA GLY B 76 14.14 -8.85 -11.58
C GLY B 76 14.44 -7.38 -11.43
N SER B 77 13.52 -6.54 -11.90
CA SER B 77 13.66 -5.11 -11.88
C SER B 77 13.13 -4.48 -10.60
N MET B 78 13.86 -3.53 -10.04
CA MET B 78 13.34 -2.70 -8.93
C MET B 78 13.74 -1.22 -9.13
N ALA B 79 13.14 -0.33 -8.35
CA ALA B 79 13.50 1.09 -8.32
C ALA B 79 13.88 1.44 -6.91
N PRO B 80 14.91 2.28 -6.73
CA PRO B 80 15.35 2.68 -5.40
C PRO B 80 14.24 3.39 -4.68
N GLY B 81 14.12 3.14 -3.39
CA GLY B 81 13.00 3.67 -2.63
C GLY B 81 12.66 2.78 -1.47
N HIS B 82 11.62 3.15 -0.74
CA HIS B 82 11.26 2.42 0.47
C HIS B 82 10.55 1.08 0.23
N VAL B 83 9.91 0.94 -0.92
CA VAL B 83 9.28 -0.33 -1.28
C VAL B 83 10.37 -1.35 -1.58
N ALA B 84 11.29 -1.00 -2.47
CA ALA B 84 12.44 -1.87 -2.73
C ALA B 84 13.13 -2.26 -1.42
N ASP B 85 13.30 -1.30 -0.51
CA ASP B 85 14.00 -1.56 0.75
C ASP B 85 13.35 -2.70 1.54
N PHE B 86 12.02 -2.65 1.63
CA PHE B 86 11.23 -3.71 2.23
C PHE B 86 11.42 -5.03 1.44
N LEU B 87 11.19 -4.97 0.15
CA LEU B 87 11.36 -6.16 -0.67
C LEU B 87 12.73 -6.78 -0.46
N VAL B 88 13.77 -5.95 -0.47
CA VAL B 88 15.13 -6.44 -0.31
C VAL B 88 15.33 -7.07 1.07
N ALA B 89 14.88 -6.39 2.12
CA ALA B 89 15.02 -6.97 3.44
C ALA B 89 14.27 -8.31 3.54
N ASP B 90 13.10 -8.42 2.89
CA ASP B 90 12.36 -9.65 3.00
C ASP B 90 13.04 -10.75 2.21
N PHE B 91 13.52 -10.42 1.01
CA PHE B 91 14.34 -11.38 0.29
C PHE B 91 15.44 -11.95 1.18
N ARG B 92 16.06 -11.10 1.98
CA ARG B 92 17.20 -11.55 2.78
C ARG B 92 16.75 -12.30 4.01
N ARG B 93 15.58 -11.91 4.53
CA ARG B 93 14.98 -12.67 5.61
C ARG B 93 14.89 -14.16 5.18
N ARG B 94 14.67 -14.41 3.89
CA ARG B 94 14.56 -15.79 3.41
C ARG B 94 15.83 -16.36 2.77
N GLY B 95 16.99 -15.76 3.00
CA GLY B 95 18.25 -16.27 2.45
C GLY B 95 18.39 -16.19 0.94
N VAL B 96 17.64 -15.31 0.28
CA VAL B 96 17.77 -15.16 -1.16
C VAL B 96 18.88 -14.18 -1.59
N ASP B 97 19.75 -14.62 -2.51
CA ASP B 97 20.82 -13.79 -3.06
C ASP B 97 20.20 -12.80 -4.02
N VAL B 98 20.33 -11.52 -3.67
CA VAL B 98 19.58 -10.48 -4.34
C VAL B 98 20.47 -9.61 -5.24
N SER B 99 21.66 -10.10 -5.54
CA SER B 99 22.68 -9.29 -6.19
C SER B 99 22.65 -9.24 -7.73
N GLN B 100 21.60 -9.75 -8.38
CA GLN B 100 21.51 -9.68 -9.83
C GLN B 100 20.32 -8.85 -10.20
N VAL B 101 19.70 -8.23 -9.21
CA VAL B 101 18.61 -7.34 -9.46
C VAL B 101 19.00 -6.31 -10.54
N ALA B 102 18.06 -6.01 -11.42
CA ALA B 102 18.22 -4.97 -12.43
C ALA B 102 17.63 -3.64 -11.93
N TRP B 103 18.47 -2.79 -11.34
CA TRP B 103 17.99 -1.51 -10.82
C TRP B 103 17.66 -0.53 -11.95
N GLN B 104 16.57 0.20 -11.78
CA GLN B 104 16.00 1.04 -12.82
C GLN B 104 16.02 2.49 -12.38
N SER B 105 16.28 3.37 -13.34
CA SER B 105 16.30 4.81 -13.05
C SER B 105 14.92 5.42 -13.31
N LYS B 106 14.08 4.65 -14.00
CA LYS B 106 12.71 5.08 -14.33
C LYS B 106 11.66 4.10 -13.79
N GLY B 107 10.58 4.62 -13.21
CA GLY B 107 9.42 3.80 -12.89
C GLY B 107 9.18 3.46 -11.43
N ASP B 108 8.10 2.72 -11.16
CA ASP B 108 7.77 2.28 -9.80
C ASP B 108 8.02 0.78 -9.55
N THR B 109 8.66 0.48 -8.42
CA THR B 109 8.66 -0.88 -7.89
C THR B 109 7.22 -1.30 -7.64
N PRO B 110 6.81 -2.43 -8.23
CA PRO B 110 5.40 -2.86 -8.22
C PRO B 110 4.82 -3.02 -6.81
N SER B 111 3.60 -2.56 -6.66
CA SER B 111 2.92 -2.68 -5.40
C SER B 111 1.45 -2.96 -5.70
N SER B 112 0.86 -3.94 -5.01
CA SER B 112 -0.51 -4.35 -5.27
C SER B 112 -1.30 -4.30 -4.01
N CYS B 113 -2.60 -4.07 -4.13
CA CYS B 113 -3.46 -3.91 -2.97
C CYS B 113 -4.63 -4.92 -3.05
N CYS B 114 -4.81 -5.70 -1.99
CA CYS B 114 -5.80 -6.77 -1.98
C CYS B 114 -6.75 -6.67 -0.80
N ILE B 115 -8.05 -6.71 -1.10
CA ILE B 115 -9.06 -6.64 -0.05
C ILE B 115 -9.80 -7.96 0.07
N ILE B 116 -9.75 -8.56 1.25
CA ILE B 116 -10.43 -9.82 1.47
C ILE B 116 -11.60 -9.66 2.43
N ASN B 117 -12.78 -10.05 1.95
CA ASN B 117 -14.02 -9.92 2.70
C ASN B 117 -14.18 -11.07 3.71
N ASN B 118 -14.18 -10.72 5.00
CA ASN B 118 -14.25 -11.73 6.05
C ASN B 118 -15.53 -12.54 6.01
N SER B 119 -16.64 -11.87 5.71
CA SER B 119 -17.94 -12.52 5.69
C SER B 119 -18.37 -13.02 4.29
N ASN B 120 -17.49 -13.71 3.58
CA ASN B 120 -17.82 -14.31 2.29
C ASN B 120 -16.61 -14.83 1.51
N GLY B 121 -15.41 -14.50 1.95
CA GLY B 121 -14.19 -15.00 1.33
C GLY B 121 -13.71 -14.27 0.08
N ASN B 122 -14.60 -13.52 -0.59
CA ASN B 122 -14.24 -12.85 -1.83
C ASN B 122 -12.96 -11.99 -1.80
N ARG B 123 -12.26 -11.99 -2.93
CA ARG B 123 -11.01 -11.26 -3.10
C ARG B 123 -11.13 -10.16 -4.16
N THR B 124 -10.96 -8.91 -3.73
CA THR B 124 -10.92 -7.78 -4.65
C THR B 124 -9.47 -7.33 -4.81
N ILE B 125 -8.97 -7.20 -6.03
CA ILE B 125 -7.57 -6.84 -6.23
C ILE B 125 -7.28 -5.58 -7.05
N VAL B 126 -6.58 -4.62 -6.46
CA VAL B 126 -6.02 -3.52 -7.25
C VAL B 126 -4.59 -3.83 -7.63
N LEU B 127 -4.39 -4.09 -8.91
CA LEU B 127 -3.13 -4.58 -9.45
C LEU B 127 -2.10 -3.47 -9.69
N HIS B 128 -0.82 -3.83 -9.65
CA HIS B 128 0.28 -2.86 -9.74
C HIS B 128 0.36 -2.12 -11.08
N ASP B 129 0.90 -0.90 -11.05
CA ASP B 129 1.03 -0.11 -12.29
C ASP B 129 2.14 -0.69 -13.18
N THR B 130 2.21 -0.19 -14.42
CA THR B 130 2.99 -0.82 -15.47
C THR B 130 4.31 -0.09 -15.80
N SER B 131 4.68 0.89 -14.96
CA SER B 131 5.73 1.85 -15.29
C SER B 131 7.16 1.29 -15.28
N LEU B 132 7.37 0.23 -14.52
CA LEU B 132 8.71 -0.28 -14.33
C LEU B 132 9.09 -1.18 -15.50
N PRO B 133 10.22 -0.88 -16.15
CA PRO B 133 10.74 -1.66 -17.27
C PRO B 133 11.10 -3.08 -16.84
N ASP B 134 10.72 -4.07 -17.64
CA ASP B 134 11.13 -5.46 -17.43
C ASP B 134 12.62 -5.64 -17.63
N VAL B 135 13.11 -6.82 -17.31
CA VAL B 135 14.51 -7.13 -17.53
C VAL B 135 14.73 -7.36 -19.02
N SER B 136 15.81 -6.81 -19.56
CA SER B 136 16.03 -6.86 -21.00
C SER B 136 17.08 -7.89 -21.38
N ALA B 137 17.09 -8.32 -22.64
CA ALA B 137 18.16 -9.20 -23.10
C ALA B 137 19.54 -8.55 -22.92
N THR B 138 19.64 -7.22 -23.01
CA THR B 138 20.96 -6.61 -22.72
C THR B 138 21.28 -6.54 -21.23
N ASP B 139 20.29 -6.26 -20.37
CA ASP B 139 20.47 -6.44 -18.93
C ASP B 139 21.09 -7.81 -18.66
N PHE B 140 20.52 -8.84 -19.30
CA PHE B 140 20.89 -10.23 -19.05
C PHE B 140 22.22 -10.65 -19.65
N GLU B 141 22.60 -9.96 -20.74
CA GLU B 141 23.90 -10.12 -21.40
C GLU B 141 25.04 -9.92 -20.41
N LYS B 142 24.84 -9.02 -19.45
CA LYS B 142 25.87 -8.66 -18.48
C LYS B 142 26.11 -9.70 -17.37
N VAL B 143 25.32 -10.74 -17.32
CA VAL B 143 25.46 -11.69 -16.23
C VAL B 143 26.44 -12.80 -16.57
N ASP B 144 27.31 -13.12 -15.64
CA ASP B 144 28.23 -14.23 -15.82
C ASP B 144 27.48 -15.49 -15.38
N LEU B 145 27.47 -16.52 -16.22
CA LEU B 145 26.60 -17.68 -16.04
C LEU B 145 27.21 -18.85 -15.25
N THR B 146 28.54 -18.90 -15.15
CA THR B 146 29.18 -20.06 -14.54
C THR B 146 28.69 -20.39 -13.14
N GLN B 147 28.02 -19.45 -12.51
CA GLN B 147 27.52 -19.55 -11.15
C GLN B 147 26.28 -20.50 -11.02
N PHE B 148 25.56 -20.64 -12.12
CA PHE B 148 24.27 -21.29 -12.08
C PHE B 148 24.29 -22.71 -12.68
N LYS B 149 23.68 -23.65 -11.96
CA LYS B 149 23.47 -25.01 -12.47
C LYS B 149 22.16 -25.05 -13.23
N TRP B 150 21.23 -24.18 -12.84
CA TRP B 150 19.86 -24.22 -13.37
C TRP B 150 19.35 -22.81 -13.40
N ILE B 151 18.64 -22.47 -14.49
CA ILE B 151 18.01 -21.17 -14.62
C ILE B 151 16.52 -21.30 -15.00
N HIS B 152 15.67 -20.56 -14.31
CA HIS B 152 14.22 -20.70 -14.47
C HIS B 152 13.60 -19.35 -14.75
N ILE B 153 12.77 -19.30 -15.79
CA ILE B 153 12.28 -18.04 -16.31
C ILE B 153 10.76 -17.93 -16.29
N GLU B 154 10.26 -16.98 -15.52
CA GLU B 154 8.84 -16.67 -15.52
C GLU B 154 8.49 -15.91 -16.78
N GLY B 155 7.77 -16.54 -17.71
CA GLY B 155 7.40 -15.88 -18.95
C GLY B 155 6.68 -14.55 -18.74
N ARG B 156 7.28 -13.46 -19.23
CA ARG B 156 6.66 -12.13 -19.08
C ARG B 156 6.74 -11.32 -20.37
N ASN B 157 7.94 -10.85 -20.69
CA ASN B 157 8.22 -10.09 -21.92
C ASN B 157 8.90 -10.99 -22.94
N ALA B 158 8.08 -11.71 -23.70
CA ALA B 158 8.56 -12.88 -24.44
C ALA B 158 9.69 -12.65 -25.44
N SER B 159 9.57 -11.67 -26.32
CA SER B 159 10.58 -11.51 -27.35
C SER B 159 11.97 -11.28 -26.76
N GLU B 160 12.04 -10.52 -25.67
CA GLU B 160 13.31 -10.33 -24.96
C GLU B 160 13.81 -11.58 -24.24
N GLN B 161 12.91 -12.38 -23.68
CA GLN B 161 13.32 -13.59 -22.95
C GLN B 161 13.88 -14.66 -23.89
N VAL B 162 13.42 -14.64 -25.13
CA VAL B 162 13.89 -15.61 -26.12
C VAL B 162 15.38 -15.41 -26.42
N LYS B 163 15.78 -14.15 -26.55
CA LYS B 163 17.21 -13.84 -26.64
C LYS B 163 18.00 -14.41 -25.46
N MET B 164 17.52 -14.18 -24.23
CA MET B 164 18.15 -14.80 -23.04
C MET B 164 18.30 -16.32 -23.18
N LEU B 165 17.25 -17.00 -23.66
CA LEU B 165 17.34 -18.46 -23.78
C LEU B 165 18.33 -18.83 -24.89
N GLN B 166 18.33 -18.07 -25.97
CA GLN B 166 19.37 -18.29 -26.97
C GLN B 166 20.80 -18.07 -26.41
N ARG B 167 20.98 -17.08 -25.54
CA ARG B 167 22.29 -16.93 -24.91
C ARG B 167 22.73 -18.15 -24.10
N ILE B 168 21.80 -18.71 -23.31
CA ILE B 168 22.11 -19.91 -22.53
C ILE B 168 22.43 -21.07 -23.47
N ASP B 169 21.70 -21.17 -24.57
CA ASP B 169 21.98 -22.23 -25.52
C ASP B 169 23.40 -22.13 -26.05
N ALA B 170 23.78 -20.96 -26.54
CA ALA B 170 25.16 -20.70 -26.95
C ALA B 170 26.17 -21.07 -25.87
N HIS B 171 25.93 -20.59 -24.64
CA HIS B 171 26.80 -20.93 -23.53
C HIS B 171 27.00 -22.44 -23.42
N ASN B 172 25.92 -23.20 -23.52
CA ASN B 172 25.98 -24.64 -23.27
C ASN B 172 26.75 -25.39 -24.33
N THR B 173 26.69 -24.87 -25.55
CA THR B 173 27.34 -25.50 -26.70
C THR B 173 28.82 -25.83 -26.45
N ARG B 174 29.54 -24.88 -25.84
CA ARG B 174 30.96 -25.06 -25.55
C ARG B 174 31.24 -25.57 -24.15
N GLN B 175 30.53 -26.62 -23.71
CA GLN B 175 30.65 -27.11 -22.33
C GLN B 175 30.44 -28.61 -22.21
N PRO B 176 31.25 -29.25 -21.36
CA PRO B 176 31.06 -30.66 -21.03
C PRO B 176 29.64 -30.89 -20.54
N PRO B 177 29.07 -32.07 -20.82
CA PRO B 177 27.72 -32.43 -20.39
C PRO B 177 27.45 -32.14 -18.92
N GLU B 178 28.47 -32.23 -18.08
CA GLU B 178 28.28 -32.11 -16.64
C GLU B 178 28.45 -30.67 -16.14
N GLN B 179 28.64 -29.74 -17.07
CA GLN B 179 28.64 -28.33 -16.70
C GLN B 179 27.68 -27.54 -17.60
N LYS B 180 26.76 -28.25 -18.23
CA LYS B 180 25.66 -27.62 -18.94
C LYS B 180 24.64 -27.09 -17.95
N ILE B 181 24.02 -25.98 -18.29
CA ILE B 181 23.06 -25.34 -17.41
C ILE B 181 21.66 -25.78 -17.83
N ARG B 182 20.92 -26.37 -16.90
CA ARG B 182 19.54 -26.75 -17.14
C ARG B 182 18.63 -25.52 -17.17
N VAL B 183 17.60 -25.58 -18.01
CA VAL B 183 16.71 -24.45 -18.20
C VAL B 183 15.22 -24.85 -18.12
N SER B 184 14.48 -24.06 -17.36
CA SER B 184 13.07 -24.27 -17.23
C SER B 184 12.34 -22.98 -17.49
N VAL B 185 11.11 -23.13 -17.99
CA VAL B 185 10.29 -22.03 -18.46
C VAL B 185 8.88 -22.18 -17.89
N GLU B 186 8.22 -21.07 -17.59
CA GLU B 186 6.93 -21.09 -16.95
C GLU B 186 5.98 -20.10 -17.65
N VAL B 187 4.90 -20.62 -18.21
CA VAL B 187 3.89 -19.82 -18.89
C VAL B 187 2.60 -19.90 -18.08
N GLU B 188 2.29 -18.88 -17.26
CA GLU B 188 1.13 -18.93 -16.37
C GLU B 188 -0.02 -18.04 -16.84
N LYS B 189 0.26 -17.12 -17.76
CA LYS B 189 -0.76 -16.19 -18.23
C LYS B 189 -1.24 -16.53 -19.65
N PRO B 190 -2.55 -16.46 -19.86
CA PRO B 190 -3.09 -16.68 -21.21
C PRO B 190 -2.81 -15.49 -22.11
N ARG B 191 -1.57 -15.33 -22.55
CA ARG B 191 -1.20 -14.23 -23.43
C ARG B 191 -0.43 -14.79 -24.62
N GLU B 192 -0.97 -14.58 -25.82
CA GLU B 192 -0.39 -15.16 -27.04
C GLU B 192 1.10 -14.95 -27.18
N GLU B 193 1.58 -13.78 -26.77
CA GLU B 193 3.01 -13.50 -26.89
C GLU B 193 3.85 -14.56 -26.18
N LEU B 194 3.31 -15.15 -25.12
CA LEU B 194 4.06 -16.08 -24.30
C LEU B 194 4.29 -17.46 -24.94
N PHE B 195 3.40 -17.86 -25.83
CA PHE B 195 3.40 -19.25 -26.31
C PHE B 195 4.69 -19.62 -27.04
N GLN B 196 5.38 -18.65 -27.61
CA GLN B 196 6.65 -18.94 -28.28
C GLN B 196 7.64 -19.52 -27.29
N LEU B 197 7.48 -19.20 -26.00
CA LEU B 197 8.37 -19.74 -24.98
C LEU B 197 8.32 -21.28 -24.88
N PHE B 198 7.22 -21.90 -25.31
CA PHE B 198 7.11 -23.36 -25.29
C PHE B 198 8.32 -24.04 -25.94
N GLY B 199 8.86 -23.40 -26.97
CA GLY B 199 9.98 -23.94 -27.73
C GLY B 199 11.33 -23.95 -27.02
N TYR B 200 11.38 -23.39 -25.81
CA TYR B 200 12.65 -23.31 -25.09
C TYR B 200 12.56 -23.98 -23.73
N GLY B 201 13.69 -24.47 -23.24
CA GLY B 201 13.70 -25.12 -21.95
C GLY B 201 13.80 -26.62 -22.05
N ASP B 202 14.48 -27.22 -21.08
CA ASP B 202 14.43 -28.65 -20.87
C ASP B 202 13.13 -28.99 -20.15
N VAL B 203 12.59 -28.03 -19.41
CA VAL B 203 11.36 -28.23 -18.68
C VAL B 203 10.44 -27.02 -18.85
N VAL B 204 9.18 -27.27 -19.19
CA VAL B 204 8.18 -26.24 -19.46
C VAL B 204 6.95 -26.45 -18.56
N PHE B 205 6.67 -25.52 -17.67
CA PHE B 205 5.47 -25.61 -16.85
C PHE B 205 4.35 -24.84 -17.54
N VAL B 206 3.18 -25.46 -17.68
CA VAL B 206 2.00 -24.74 -18.15
C VAL B 206 0.90 -24.76 -17.09
N SER B 207 0.20 -23.65 -16.93
CA SER B 207 -0.76 -23.56 -15.84
C SER B 207 -2.14 -24.00 -16.29
N LYS B 208 -2.95 -24.44 -15.35
CA LYS B 208 -4.31 -24.83 -15.64
C LYS B 208 -5.07 -23.71 -16.38
N ASP B 209 -4.91 -22.49 -15.87
CA ASP B 209 -5.56 -21.33 -16.46
C ASP B 209 -5.25 -21.15 -17.95
N VAL B 210 -4.04 -21.50 -18.37
CA VAL B 210 -3.62 -21.31 -19.76
C VAL B 210 -4.15 -22.43 -20.65
N ALA B 211 -4.10 -23.65 -20.12
CA ALA B 211 -4.63 -24.83 -20.80
C ALA B 211 -6.13 -24.69 -21.08
N LYS B 212 -6.89 -24.33 -20.05
CA LYS B 212 -8.31 -24.05 -20.22
C LYS B 212 -8.57 -23.01 -21.31
N HIS B 213 -7.93 -21.85 -21.19
CA HIS B 213 -8.11 -20.82 -22.22
C HIS B 213 -7.82 -21.33 -23.63
N LEU B 214 -6.86 -22.25 -23.76
CA LEU B 214 -6.63 -22.90 -25.06
C LEU B 214 -7.67 -24.00 -25.33
N GLY B 215 -8.58 -24.19 -24.37
CA GLY B 215 -9.68 -25.13 -24.54
C GLY B 215 -9.49 -26.56 -24.07
N PHE B 216 -8.46 -26.80 -23.27
CA PHE B 216 -8.21 -28.11 -22.74
C PHE B 216 -8.93 -28.24 -21.40
N GLN B 217 -9.46 -29.42 -21.14
CA GLN B 217 -10.29 -29.60 -19.98
C GLN B 217 -9.62 -30.45 -18.92
N SER B 218 -8.36 -30.80 -19.15
CA SER B 218 -7.62 -31.55 -18.14
C SER B 218 -6.12 -31.55 -18.42
N ALA B 219 -5.35 -31.85 -17.39
CA ALA B 219 -3.92 -31.97 -17.56
C ALA B 219 -3.58 -32.88 -18.75
N GLU B 220 -4.18 -34.07 -18.81
CA GLU B 220 -3.87 -35.04 -19.88
C GLU B 220 -4.21 -34.49 -21.26
N GLU B 221 -5.36 -33.84 -21.37
CA GLU B 221 -5.66 -33.11 -22.60
C GLU B 221 -4.52 -32.11 -22.93
N ALA B 222 -4.23 -31.19 -22.00
CA ALA B 222 -3.18 -30.18 -22.22
C ALA B 222 -1.84 -30.79 -22.66
N LEU B 223 -1.35 -31.78 -21.92
CA LEU B 223 -0.08 -32.37 -22.28
C LEU B 223 -0.05 -32.91 -23.71
N ARG B 224 -0.99 -33.80 -24.03
CA ARG B 224 -1.11 -34.34 -25.38
C ARG B 224 -1.34 -33.24 -26.44
N GLY B 225 -2.13 -32.24 -26.13
CA GLY B 225 -2.40 -31.19 -27.09
C GLY B 225 -1.22 -30.27 -27.46
N LEU B 226 -0.34 -29.99 -26.49
CA LEU B 226 0.69 -28.97 -26.67
C LEU B 226 2.11 -29.53 -26.78
N TYR B 227 2.28 -30.82 -26.56
CA TYR B 227 3.64 -31.35 -26.57
C TYR B 227 4.38 -31.08 -27.88
N GLY B 228 3.64 -30.92 -28.97
CA GLY B 228 4.26 -30.68 -30.25
C GLY B 228 4.95 -29.33 -30.33
N ARG B 229 4.75 -28.51 -29.29
CA ARG B 229 5.30 -27.17 -29.31
C ARG B 229 6.65 -27.04 -28.60
N VAL B 230 7.07 -28.09 -27.87
CA VAL B 230 8.32 -28.04 -27.11
C VAL B 230 9.50 -28.59 -27.90
N ARG B 231 10.73 -28.16 -27.57
CA ARG B 231 11.90 -28.64 -28.31
C ARG B 231 12.10 -30.12 -28.06
N LYS B 232 12.76 -30.79 -29.01
CA LYS B 232 13.06 -32.21 -28.83
C LYS B 232 13.79 -32.47 -27.52
N GLY B 233 13.29 -33.44 -26.77
CA GLY B 233 13.92 -33.85 -25.53
C GLY B 233 13.33 -33.18 -24.29
N ALA B 234 12.48 -32.18 -24.48
CA ALA B 234 11.91 -31.49 -23.34
C ALA B 234 10.84 -32.30 -22.57
N VAL B 235 10.60 -31.89 -21.33
CA VAL B 235 9.53 -32.42 -20.54
C VAL B 235 8.52 -31.30 -20.28
N LEU B 236 7.24 -31.58 -20.54
CA LEU B 236 6.15 -30.63 -20.35
C LEU B 236 5.32 -31.06 -19.12
N VAL B 237 4.95 -30.08 -18.30
CA VAL B 237 4.39 -30.32 -16.98
C VAL B 237 3.17 -29.44 -16.73
N CYS B 238 2.15 -29.99 -16.08
CA CYS B 238 0.93 -29.25 -15.79
C CYS B 238 0.28 -29.75 -14.50
N ALA B 239 0.12 -28.85 -13.53
CA ALA B 239 -0.51 -29.17 -12.27
C ALA B 239 -1.97 -28.72 -12.32
N TRP B 240 -2.87 -29.52 -11.78
CA TRP B 240 -4.31 -29.24 -11.91
C TRP B 240 -5.06 -29.33 -10.57
N ALA B 241 -4.73 -28.42 -9.64
CA ALA B 241 -5.34 -28.35 -8.31
C ALA B 241 -5.49 -29.72 -7.61
N GLU B 242 -6.72 -30.11 -7.30
CA GLU B 242 -6.92 -31.35 -6.53
C GLU B 242 -6.88 -32.61 -7.38
N GLU B 243 -6.79 -32.43 -8.70
CA GLU B 243 -6.60 -33.57 -9.59
C GLU B 243 -5.15 -34.03 -9.64
N GLY B 244 -4.25 -33.34 -8.96
CA GLY B 244 -2.83 -33.73 -8.97
C GLY B 244 -2.04 -33.09 -10.10
N ALA B 245 -1.05 -33.82 -10.63
CA ALA B 245 -0.22 -33.26 -11.69
C ALA B 245 0.32 -34.31 -12.65
N ASP B 246 0.48 -33.92 -13.91
CA ASP B 246 0.97 -34.83 -14.93
C ASP B 246 2.26 -34.27 -15.56
N ALA B 247 3.02 -35.15 -16.21
CA ALA B 247 4.18 -34.76 -16.99
C ALA B 247 4.37 -35.67 -18.21
N LEU B 248 4.87 -35.09 -19.29
CA LEU B 248 5.08 -35.86 -20.51
C LEU B 248 6.45 -35.58 -21.16
N GLY B 249 7.28 -36.61 -21.30
CA GLY B 249 8.59 -36.43 -21.91
C GLY B 249 8.75 -37.00 -23.31
N PRO B 250 10.00 -37.14 -23.76
CA PRO B 250 10.33 -37.60 -25.13
C PRO B 250 9.82 -39.00 -25.48
N ASP B 251 9.66 -39.87 -24.48
CA ASP B 251 9.29 -41.25 -24.76
C ASP B 251 7.78 -41.43 -24.94
N GLY B 252 7.00 -40.40 -24.64
CA GLY B 252 5.57 -40.45 -24.88
C GLY B 252 4.69 -41.02 -23.77
N LYS B 253 5.32 -41.49 -22.71
CA LYS B 253 4.64 -42.05 -21.55
C LYS B 253 4.12 -40.99 -20.53
N LEU B 254 2.81 -40.76 -20.46
CA LEU B 254 2.23 -39.83 -19.47
C LEU B 254 2.50 -40.25 -18.03
N LEU B 255 3.11 -39.37 -17.24
CA LEU B 255 3.39 -39.66 -15.83
C LEU B 255 2.41 -38.90 -14.98
N HIS B 256 2.09 -39.43 -13.79
CA HIS B 256 1.04 -38.82 -12.97
C HIS B 256 1.28 -38.93 -11.46
N SER B 257 0.71 -38.00 -10.72
CA SER B 257 0.73 -38.05 -9.28
C SER B 257 -0.47 -37.36 -8.68
N ASP B 258 -1.07 -38.00 -7.69
CA ASP B 258 -2.26 -37.46 -7.07
C ASP B 258 -1.86 -36.35 -6.12
N ALA B 259 -2.82 -35.51 -5.77
CA ALA B 259 -2.63 -34.46 -4.80
C ALA B 259 -2.48 -35.03 -3.39
N PHE B 260 -2.02 -34.19 -2.46
CA PHE B 260 -1.95 -34.51 -1.04
C PHE B 260 -2.62 -33.38 -0.29
N PRO B 261 -3.95 -33.24 -0.43
CA PRO B 261 -4.71 -32.23 0.31
C PRO B 261 -4.22 -32.07 1.75
N PRO B 262 -4.25 -30.84 2.29
CA PRO B 262 -3.82 -30.59 3.67
C PRO B 262 -4.92 -30.90 4.70
N GLY B 270 0.07 -19.20 -3.35
CA GLY B 270 1.35 -19.40 -4.01
C GLY B 270 1.74 -20.86 -4.13
N ALA B 271 0.72 -21.72 -4.16
CA ALA B 271 0.92 -23.17 -4.24
C ALA B 271 1.50 -23.58 -5.58
N GLY B 272 1.01 -22.99 -6.65
CA GLY B 272 1.57 -23.23 -7.96
C GLY B 272 3.07 -22.93 -7.99
N ASP B 273 3.47 -21.89 -7.26
CA ASP B 273 4.88 -21.49 -7.21
C ASP B 273 5.64 -22.45 -6.33
N THR B 274 4.99 -22.90 -5.27
CA THR B 274 5.59 -23.90 -4.41
C THR B 274 5.78 -25.22 -5.16
N PHE B 275 4.82 -25.55 -6.03
CA PHE B 275 4.90 -26.71 -6.90
C PHE B 275 6.02 -26.63 -7.96
N ASN B 276 6.03 -25.58 -8.77
CA ASN B 276 7.12 -25.40 -9.75
C ASN B 276 8.49 -25.48 -9.10
N ALA B 277 8.68 -24.69 -8.05
CA ALA B 277 9.95 -24.67 -7.32
C ALA B 277 10.32 -26.04 -6.78
N SER B 278 9.35 -26.75 -6.23
CA SER B 278 9.65 -28.08 -5.70
C SER B 278 10.05 -29.06 -6.78
N VAL B 279 9.42 -29.01 -7.94
CA VAL B 279 9.80 -29.93 -9.03
C VAL B 279 11.24 -29.66 -9.53
N ILE B 280 11.53 -28.37 -9.77
CA ILE B 280 12.88 -27.90 -10.12
C ILE B 280 13.91 -28.40 -9.12
N PHE B 281 13.67 -28.14 -7.83
CA PHE B 281 14.59 -28.66 -6.83
C PHE B 281 14.89 -30.15 -7.03
N SER B 282 13.85 -30.98 -7.03
CA SER B 282 14.01 -32.44 -7.13
C SER B 282 14.77 -32.85 -8.39
N LEU B 283 14.41 -32.28 -9.53
CA LEU B 283 15.15 -32.61 -10.75
C LEU B 283 16.60 -32.16 -10.63
N SER B 284 16.79 -30.98 -10.04
CA SER B 284 18.14 -30.44 -9.91
C SER B 284 18.97 -31.32 -8.99
N GLN B 285 18.32 -32.01 -8.04
CA GLN B 285 19.05 -32.95 -7.17
C GLN B 285 19.28 -34.29 -7.87
N GLY B 286 18.92 -34.38 -9.14
CA GLY B 286 19.10 -35.60 -9.91
C GLY B 286 18.01 -36.67 -9.85
N ARG B 287 16.86 -36.37 -9.25
CA ARG B 287 15.78 -37.36 -9.17
C ARG B 287 15.11 -37.54 -10.55
N SER B 288 14.27 -38.56 -10.64
CA SER B 288 13.53 -38.79 -11.88
C SER B 288 12.31 -37.89 -11.92
N VAL B 289 11.82 -37.66 -13.13
CA VAL B 289 10.60 -36.89 -13.31
C VAL B 289 9.41 -37.37 -12.45
N GLN B 290 9.29 -38.68 -12.31
CA GLN B 290 8.20 -39.29 -11.56
C GLN B 290 8.35 -38.96 -10.10
N GLU B 291 9.57 -39.11 -9.59
CA GLU B 291 9.87 -38.73 -8.21
C GLU B 291 9.70 -37.20 -8.03
N ALA B 292 9.88 -36.42 -9.10
CA ALA B 292 9.76 -34.98 -8.97
C ALA B 292 8.31 -34.50 -8.95
N LEU B 293 7.46 -35.15 -9.75
CA LEU B 293 6.02 -34.89 -9.67
C LEU B 293 5.56 -35.19 -8.25
N ARG B 294 5.95 -36.34 -7.74
CA ARG B 294 5.53 -36.73 -6.42
C ARG B 294 5.95 -35.70 -5.37
N PHE B 295 7.24 -35.38 -5.34
CA PHE B 295 7.75 -34.40 -4.40
C PHE B 295 7.03 -33.06 -4.52
N GLY B 296 6.96 -32.55 -5.74
CA GLY B 296 6.17 -31.37 -6.00
C GLY B 296 4.82 -31.45 -5.29
N CYS B 297 4.10 -32.55 -5.49
CA CYS B 297 2.78 -32.69 -4.89
C CYS B 297 2.75 -32.67 -3.36
N GLN B 298 3.71 -33.33 -2.71
CA GLN B 298 3.73 -33.29 -1.24
C GLN B 298 3.91 -31.87 -0.69
N VAL B 299 4.85 -31.12 -1.25
CA VAL B 299 5.21 -29.83 -0.66
C VAL B 299 4.08 -28.82 -0.80
N ALA B 300 3.51 -28.76 -2.00
CA ALA B 300 2.45 -27.82 -2.30
C ALA B 300 1.19 -28.18 -1.50
N GLY B 301 1.11 -29.44 -1.08
CA GLY B 301 0.05 -29.86 -0.20
C GLY B 301 0.25 -29.18 1.14
N LYS B 302 1.43 -29.41 1.72
CA LYS B 302 1.82 -28.81 3.00
C LYS B 302 1.65 -27.28 2.97
N LYS B 303 2.06 -26.65 1.87
CA LYS B 303 1.96 -25.20 1.78
C LYS B 303 0.52 -24.71 1.96
N CYS B 304 -0.42 -25.37 1.27
CA CYS B 304 -1.82 -24.95 1.25
C CYS B 304 -2.51 -24.96 2.62
N GLY B 305 -2.07 -25.85 3.50
CA GLY B 305 -2.57 -25.88 4.87
C GLY B 305 -1.66 -25.07 5.79
N LEU B 306 -0.98 -24.07 5.23
CA LEU B 306 -0.11 -23.19 6.01
C LEU B 306 -0.42 -21.72 5.70
N GLN B 307 0.03 -20.83 6.59
CA GLN B 307 -0.04 -19.40 6.33
C GLN B 307 1.37 -18.84 6.05
N GLY B 308 1.58 -18.43 4.80
CA GLY B 308 2.91 -18.05 4.34
C GLY B 308 3.63 -19.30 3.87
N PHE B 309 4.96 -19.23 3.79
CA PHE B 309 5.77 -20.36 3.35
C PHE B 309 6.44 -21.05 4.53
N ASP B 310 6.62 -20.33 5.63
CA ASP B 310 7.20 -20.87 6.86
C ASP B 310 7.01 -22.39 6.98
#